data_6VLN
#
_entry.id   6VLN
#
_cell.length_a   62.204
_cell.length_b   76.481
_cell.length_c   63.693
_cell.angle_alpha   90.000
_cell.angle_beta   98.761
_cell.angle_gamma   90.000
#
_symmetry.space_group_name_H-M   'P 1 21 1'
#
loop_
_entity.id
_entity.type
_entity.pdbx_description
1 polymer '4498 Fab heavy chain'
2 polymer '4498 Fab light chain'
3 polymer 'anti Kappa VHH domain'
4 polymer 'Circumsporozoite protein'
5 non-polymer GLYCEROL
6 water water
#
loop_
_entity_poly.entity_id
_entity_poly.type
_entity_poly.pdbx_seq_one_letter_code
_entity_poly.pdbx_strand_id
1 'polypeptide(L)'
;QVQLVESGGGVVQPGRSLRLSCAASGFTFSIYGMHWVRQAPGKGLEWVALIWYDGTNKYYTDSVKGRFTISRDNSKNTLF
LQMNSVRAEDTAVYYCARDAHYSDSSGYSSWGYFDYWGQGSLVTVSSASTKGPSVFPLAPSSKSTSGGTAALGCLVKDYF
PEPVTVSWNSGALTSGVHTFPAVLQSSGLYSLSSVVTVPSSSLGTQTYICNVNHKPSNTKVDKKVEPKSC
;
H
2 'polypeptide(L)'
;EIVLTQSPATLSLSPGERATLSCRASQSVSSYLAWYQQKPGQAPRLLIFDASIRATGIPARFSGSGSGTDFTLTISSLEP
EDFAVYYCQQRSNWYTFGQGTKLEIKRTVAAPSVFIFPPSDEQLKSGTASVVCLLNNFYPREAKVQWKVDNALQSGNSQE
SVTEQDSKDSTYSLSSTLTLSKADYEKHKVYACEVTHQGLSSPVTKSFNRGEC
;
L
3 'polypeptide(L)'
;(UNK)VQL(UNK)(UNK)SGGG(UNK)VQ(UNK)G(UNK)SL(UNK)LSC(UNK)A(UNK)(UNK)(UNK)(UNK)
(UNK)(UNK)(UNK)(UNK)(UNK)(UNK)(UNK)W(UNK)RQ(UNK)PG(UNK)(UNK)RE(UNK)V(UNK)(UNK)
(UNK)(UNK)(UNK)(UNK)(UNK)(UNK)(UNK)(UNK)(UNK)(UNK)(UNK)DS(UNK)(UNK)GRFT(UNK)S
(UNK)D(UNK)(UNK)(UNK)(UNK)(UNK)(UNK)(UNK)LQ(UNK)(UNK)(UNK)L(UNK)(UNK)(UNK)D(UNK)
A(UNK)YYC(UNK)(UNK)(UNK)(UNK)(UNK)(UNK)(UNK)(UNK)(UNK)(UNK)(UNK)(UNK)(UNK)(UNK)W
G(UNK)GT(UNK)VTVSS
;
K
4 'polypeptide(L)' NVDPNANPNVDP P
#
# COMPACT_ATOMS: atom_id res chain seq x y z
N GLN A 1 0.61 -18.54 -16.05
CA GLN A 1 1.11 -17.70 -17.12
C GLN A 1 0.24 -16.42 -17.29
N VAL A 2 -0.87 -16.35 -16.55
CA VAL A 2 -1.84 -15.27 -16.75
C VAL A 2 -1.23 -13.93 -16.35
N GLN A 3 -1.24 -12.96 -17.27
CA GLN A 3 -0.81 -11.60 -16.98
C GLN A 3 -1.82 -10.60 -17.53
N LEU A 4 -2.04 -9.52 -16.76
CA LEU A 4 -2.88 -8.41 -17.20
C LEU A 4 -2.09 -7.15 -16.90
N VAL A 5 -1.65 -6.44 -17.93
CA VAL A 5 -0.75 -5.31 -17.74
C VAL A 5 -1.46 -4.05 -18.20
N GLU A 6 -1.68 -3.13 -17.27
CA GLU A 6 -2.44 -1.93 -17.58
C GLU A 6 -1.52 -0.76 -17.91
N SER A 7 -2.05 0.19 -18.68
CA SER A 7 -1.34 1.41 -19.03
C SER A 7 -2.37 2.48 -19.30
N GLY A 8 -1.90 3.73 -19.32
CA GLY A 8 -2.74 4.86 -19.67
C GLY A 8 -3.22 5.72 -18.51
N GLY A 9 -2.83 5.42 -17.29
CA GLY A 9 -3.25 6.24 -16.18
C GLY A 9 -2.51 7.57 -16.13
N GLY A 10 -2.95 8.44 -15.23
CA GLY A 10 -2.23 9.65 -14.98
C GLY A 10 -3.21 10.70 -14.52
N VAL A 11 -2.74 11.92 -14.49
CA VAL A 11 -3.54 13.06 -14.09
C VAL A 11 -4.40 13.53 -15.27
N VAL A 12 -5.66 13.87 -15.00
CA VAL A 12 -6.58 14.39 -16.02
C VAL A 12 -7.44 15.48 -15.40
N GLN A 13 -7.64 16.59 -16.13
CA GLN A 13 -8.47 17.69 -15.65
C GLN A 13 -9.95 17.32 -15.73
N PRO A 14 -10.78 17.82 -14.81
CA PRO A 14 -12.21 17.54 -14.87
C PRO A 14 -12.80 17.87 -16.24
N GLY A 15 -13.70 16.99 -16.71
CA GLY A 15 -14.38 17.17 -17.98
C GLY A 15 -13.64 16.60 -19.16
N ARG A 16 -12.38 16.20 -18.99
CA ARG A 16 -11.59 15.73 -20.10
C ARG A 16 -11.70 14.21 -20.19
N SER A 17 -10.96 13.63 -21.13
CA SER A 17 -11.02 12.20 -21.41
C SER A 17 -9.65 11.56 -21.19
N LEU A 18 -9.69 10.26 -20.93
CA LEU A 18 -8.51 9.43 -20.76
C LEU A 18 -8.92 8.01 -21.12
N ARG A 19 -8.04 7.27 -21.79
CA ARG A 19 -8.31 5.86 -22.11
C ARG A 19 -7.32 4.94 -21.36
N LEU A 20 -7.85 3.97 -20.64
CA LEU A 20 -7.00 2.96 -20.03
C LEU A 20 -6.91 1.74 -20.94
N SER A 21 -5.78 1.02 -20.85
CA SER A 21 -5.51 -0.18 -21.63
C SER A 21 -5.17 -1.31 -20.69
N CYS A 22 -5.54 -2.52 -21.09
CA CYS A 22 -5.21 -3.70 -20.29
C CYS A 22 -4.82 -4.79 -21.27
N ALA A 23 -3.52 -5.09 -21.35
CA ALA A 23 -3.00 -6.08 -22.29
C ALA A 23 -2.84 -7.42 -21.59
N ALA A 24 -3.45 -8.45 -22.16
CA ALA A 24 -3.48 -9.79 -21.61
C ALA A 24 -2.47 -10.72 -22.28
N SER A 25 -1.83 -11.58 -21.47
CA SER A 25 -1.04 -12.65 -22.00
C SER A 25 -1.23 -13.87 -21.10
N GLY A 26 -0.84 -15.04 -21.61
CA GLY A 26 -0.83 -16.27 -20.85
C GLY A 26 -2.17 -16.97 -20.70
N PHE A 27 -3.19 -16.55 -21.42
CA PHE A 27 -4.46 -17.26 -21.46
C PHE A 27 -5.16 -16.88 -22.76
N THR A 28 -6.28 -17.56 -23.01
CA THR A 28 -7.02 -17.37 -24.27
C THR A 28 -7.95 -16.19 -24.00
N PHE A 29 -7.44 -14.98 -24.27
CA PHE A 29 -8.16 -13.74 -24.01
C PHE A 29 -9.58 -13.78 -24.60
N SER A 30 -9.72 -14.28 -25.81
CA SER A 30 -10.94 -14.10 -26.60
C SER A 30 -12.11 -14.97 -26.14
N ILE A 31 -11.97 -15.80 -25.09
CA ILE A 31 -13.09 -16.60 -24.64
C ILE A 31 -13.55 -16.17 -23.23
N TYR A 32 -12.97 -15.11 -22.67
CA TYR A 32 -13.26 -14.66 -21.31
C TYR A 32 -13.98 -13.32 -21.32
N GLY A 33 -15.03 -13.22 -20.50
CA GLY A 33 -15.51 -11.91 -20.12
C GLY A 33 -14.47 -11.16 -19.31
N MET A 34 -14.52 -9.82 -19.39
CA MET A 34 -13.57 -8.95 -18.73
C MET A 34 -14.28 -7.80 -18.03
N HIS A 35 -13.76 -7.42 -16.85
CA HIS A 35 -14.36 -6.37 -16.03
C HIS A 35 -13.35 -5.26 -15.75
N TRP A 36 -13.87 -4.08 -15.40
CA TRP A 36 -13.10 -3.04 -14.73
C TRP A 36 -13.67 -2.83 -13.33
N VAL A 37 -12.80 -2.70 -12.31
CA VAL A 37 -13.14 -2.46 -10.91
C VAL A 37 -12.22 -1.37 -10.40
N ARG A 38 -12.73 -0.45 -9.58
CA ARG A 38 -11.91 0.65 -9.12
C ARG A 38 -11.91 0.76 -7.60
N GLN A 39 -10.89 1.47 -7.09
CA GLN A 39 -10.68 1.61 -5.64
C GLN A 39 -10.20 3.03 -5.39
N ALA A 40 -11.03 3.87 -4.78
CA ALA A 40 -10.58 5.22 -4.48
C ALA A 40 -9.57 5.18 -3.33
N PRO A 41 -8.74 6.22 -3.20
CA PRO A 41 -7.70 6.23 -2.16
C PRO A 41 -8.29 6.01 -0.78
N GLY A 42 -7.85 4.94 -0.10
CA GLY A 42 -8.30 4.60 1.25
C GLY A 42 -9.70 4.06 1.37
N LYS A 43 -10.33 3.70 0.26
CA LYS A 43 -11.69 3.15 0.22
C LYS A 43 -11.68 1.70 -0.27
N GLY A 44 -12.88 1.12 -0.41
CA GLY A 44 -13.03 -0.25 -0.84
C GLY A 44 -13.13 -0.40 -2.34
N LEU A 45 -13.65 -1.55 -2.77
CA LEU A 45 -13.70 -1.88 -4.19
C LEU A 45 -15.09 -1.61 -4.76
N GLU A 46 -15.13 -1.14 -6.03
CA GLU A 46 -16.37 -0.79 -6.71
C GLU A 46 -16.36 -1.31 -8.13
N TRP A 47 -17.30 -2.20 -8.47
CA TRP A 47 -17.39 -2.68 -9.85
C TRP A 47 -17.78 -1.53 -10.79
N VAL A 48 -17.12 -1.47 -11.94
CA VAL A 48 -17.35 -0.39 -12.90
C VAL A 48 -18.06 -0.87 -14.16
N ALA A 49 -17.54 -1.92 -14.81
CA ALA A 49 -18.10 -2.33 -16.09
C ALA A 49 -17.66 -3.75 -16.45
N LEU A 50 -18.38 -4.32 -17.42
CA LEU A 50 -18.20 -5.70 -17.86
C LEU A 50 -18.40 -5.78 -19.36
N ILE A 51 -17.62 -6.62 -20.04
CA ILE A 51 -17.81 -6.84 -21.49
C ILE A 51 -17.68 -8.32 -21.78
N TRP A 52 -18.58 -8.86 -22.60
CA TRP A 52 -18.56 -10.27 -22.97
C TRP A 52 -17.31 -10.63 -23.79
N TYR A 53 -17.00 -11.93 -23.81
CA TYR A 53 -15.83 -12.42 -24.54
C TYR A 53 -15.81 -11.94 -25.97
N ASP A 54 -16.96 -11.93 -26.63
CA ASP A 54 -17.05 -11.57 -28.05
C ASP A 54 -17.42 -10.10 -28.24
N GLY A 55 -17.42 -9.31 -27.17
CA GLY A 55 -17.72 -7.90 -27.26
C GLY A 55 -19.18 -7.54 -27.48
N THR A 56 -20.10 -8.52 -27.45
CA THR A 56 -21.48 -8.26 -27.88
C THR A 56 -22.33 -7.58 -26.80
N ASN A 57 -22.08 -7.87 -25.53
CA ASN A 57 -22.85 -7.28 -24.44
C ASN A 57 -21.90 -6.51 -23.55
N LYS A 58 -22.41 -5.41 -22.99
CA LYS A 58 -21.65 -4.51 -22.14
C LYS A 58 -22.57 -4.01 -21.04
N TYR A 59 -22.04 -3.92 -19.82
CA TYR A 59 -22.80 -3.42 -18.68
C TYR A 59 -21.94 -2.46 -17.87
N TYR A 60 -22.60 -1.47 -17.23
CA TYR A 60 -21.92 -0.41 -16.52
C TYR A 60 -22.61 -0.14 -15.19
N THR A 61 -21.85 0.32 -14.20
CA THR A 61 -22.46 0.83 -12.97
C THR A 61 -23.01 2.24 -13.22
N ASP A 62 -24.09 2.56 -12.49
CA ASP A 62 -24.88 3.76 -12.82
C ASP A 62 -24.02 5.02 -12.88
N SER A 63 -23.06 5.18 -11.95
CA SER A 63 -22.38 6.46 -11.82
C SER A 63 -21.46 6.76 -13.00
N VAL A 64 -21.15 5.76 -13.82
CA VAL A 64 -20.35 5.96 -15.02
C VAL A 64 -21.15 5.82 -16.31
N LYS A 65 -22.41 5.39 -16.23
CA LYS A 65 -23.19 5.17 -17.43
C LYS A 65 -23.34 6.47 -18.24
N GLY A 66 -23.10 6.37 -19.55
CA GLY A 66 -23.14 7.52 -20.42
C GLY A 66 -21.86 8.34 -20.48
N ARG A 67 -20.88 8.08 -19.61
CA ARG A 67 -19.59 8.76 -19.61
C ARG A 67 -18.42 7.84 -19.94
N PHE A 68 -18.46 6.60 -19.50
CA PHE A 68 -17.40 5.63 -19.77
C PHE A 68 -17.89 4.61 -20.80
N THR A 69 -16.95 4.09 -21.60
CA THR A 69 -17.24 3.07 -22.61
C THR A 69 -16.22 1.96 -22.48
N ILE A 70 -16.70 0.69 -22.39
CA ILE A 70 -15.81 -0.47 -22.34
C ILE A 70 -15.79 -1.13 -23.73
N SER A 71 -14.61 -1.61 -24.13
CA SER A 71 -14.41 -2.18 -25.47
C SER A 71 -13.23 -3.14 -25.40
N ARG A 72 -13.08 -3.97 -26.42
CA ARG A 72 -11.96 -4.88 -26.46
C ARG A 72 -11.50 -5.09 -27.89
N ASP A 73 -10.22 -5.40 -28.05
CA ASP A 73 -9.68 -5.78 -29.35
C ASP A 73 -9.02 -7.14 -29.16
N ASN A 74 -9.76 -8.19 -29.51
CA ASN A 74 -9.27 -9.55 -29.31
C ASN A 74 -8.05 -9.85 -30.18
N SER A 75 -7.97 -9.26 -31.39
CA SER A 75 -6.79 -9.52 -32.21
C SER A 75 -5.52 -9.03 -31.56
N LYS A 76 -5.63 -8.06 -30.63
CA LYS A 76 -4.48 -7.48 -29.93
C LYS A 76 -4.44 -7.86 -28.47
N ASN A 77 -5.32 -8.77 -28.03
CA ASN A 77 -5.39 -9.19 -26.62
C ASN A 77 -5.51 -8.00 -25.67
N THR A 78 -6.31 -7.00 -26.04
CA THR A 78 -6.37 -5.79 -25.21
C THR A 78 -7.80 -5.42 -24.83
N LEU A 79 -7.97 -5.01 -23.59
CA LEU A 79 -9.22 -4.48 -23.03
C LEU A 79 -9.07 -2.97 -22.80
N PHE A 80 -10.14 -2.21 -23.10
CA PHE A 80 -10.09 -0.74 -23.00
C PHE A 80 -11.17 -0.22 -22.08
N LEU A 81 -10.85 0.87 -21.38
CA LEU A 81 -11.87 1.70 -20.72
C LEU A 81 -11.66 3.14 -21.19
N GLN A 82 -12.66 3.68 -21.91
CA GLN A 82 -12.64 5.07 -22.37
C GLN A 82 -13.44 5.91 -21.38
N MET A 83 -12.76 6.84 -20.70
CA MET A 83 -13.35 7.62 -19.62
C MET A 83 -13.53 9.05 -20.15
N ASN A 84 -14.78 9.45 -20.37
CA ASN A 84 -15.08 10.80 -20.83
C ASN A 84 -15.77 11.56 -19.71
N SER A 85 -15.72 12.90 -19.82
CA SER A 85 -16.37 13.79 -18.86
C SER A 85 -15.98 13.45 -17.42
N VAL A 86 -14.68 13.28 -17.18
CA VAL A 86 -14.25 12.78 -15.87
C VAL A 86 -14.54 13.78 -14.76
N ARG A 87 -14.74 13.25 -13.55
CA ARG A 87 -15.05 14.03 -12.37
C ARG A 87 -14.08 13.64 -11.26
N ALA A 88 -13.87 14.54 -10.29
CA ALA A 88 -12.90 14.27 -9.24
C ALA A 88 -13.20 12.96 -8.53
N GLU A 89 -14.48 12.63 -8.38
CA GLU A 89 -14.88 11.39 -7.70
C GLU A 89 -14.54 10.14 -8.48
N ASP A 90 -14.11 10.28 -9.74
CA ASP A 90 -13.56 9.17 -10.50
C ASP A 90 -12.14 8.84 -10.11
N THR A 91 -11.52 9.64 -9.24
CA THR A 91 -10.13 9.38 -8.83
C THR A 91 -10.06 8.04 -8.12
N ALA A 92 -9.19 7.16 -8.61
CA ALA A 92 -9.13 5.79 -8.14
C ALA A 92 -8.00 5.04 -8.82
N VAL A 93 -7.58 3.94 -8.21
CA VAL A 93 -6.84 2.94 -8.96
CA VAL A 93 -6.84 2.93 -8.95
C VAL A 93 -7.85 2.09 -9.72
N TYR A 94 -7.66 1.95 -11.03
CA TYR A 94 -8.53 1.17 -11.90
C TYR A 94 -7.87 -0.17 -12.19
N TYR A 95 -8.58 -1.26 -11.93
CA TYR A 95 -8.09 -2.61 -12.21
C TYR A 95 -8.93 -3.22 -13.33
N CYS A 96 -8.28 -3.87 -14.30
CA CYS A 96 -8.99 -4.84 -15.12
C CYS A 96 -8.95 -6.19 -14.39
N ALA A 97 -9.97 -7.01 -14.65
CA ALA A 97 -10.06 -8.31 -13.99
C ALA A 97 -10.72 -9.27 -14.94
N ARG A 98 -10.20 -10.50 -14.98
CA ARG A 98 -10.79 -11.55 -15.80
C ARG A 98 -12.00 -12.15 -15.07
N ASP A 99 -13.09 -12.34 -15.80
CA ASP A 99 -14.21 -13.09 -15.23
C ASP A 99 -13.79 -14.52 -14.91
N ALA A 100 -13.98 -14.93 -13.66
CA ALA A 100 -13.65 -16.28 -13.20
C ALA A 100 -14.58 -17.28 -13.87
N HIS A 101 -14.25 -17.60 -15.09
CA HIS A 101 -14.98 -18.56 -15.91
C HIS A 101 -14.65 -19.97 -15.40
N TYR A 102 -15.42 -20.45 -14.44
CA TYR A 102 -15.21 -21.76 -13.84
C TYR A 102 -16.19 -22.78 -14.40
N SER A 103 -15.68 -23.98 -14.64
CA SER A 103 -16.51 -25.13 -14.96
C SER A 103 -15.78 -26.38 -14.46
N ASP A 104 -16.47 -27.51 -14.54
CA ASP A 104 -15.84 -28.77 -14.17
C ASP A 104 -16.31 -29.86 -15.11
N SER A 105 -15.76 -31.07 -14.94
CA SER A 105 -16.14 -32.21 -15.75
C SER A 105 -17.58 -32.63 -15.53
N SER A 106 -18.26 -32.05 -14.55
CA SER A 106 -19.65 -32.37 -14.24
C SER A 106 -20.64 -31.40 -14.86
N GLY A 107 -20.19 -30.55 -15.78
CA GLY A 107 -21.04 -29.54 -16.38
C GLY A 107 -21.35 -28.36 -15.49
N TYR A 108 -21.11 -28.46 -14.18
CA TYR A 108 -21.27 -27.34 -13.26
C TYR A 108 -20.56 -26.11 -13.82
N SER A 109 -21.29 -24.99 -13.90
CA SER A 109 -20.74 -23.78 -14.46
C SER A 109 -20.90 -22.63 -13.47
N SER A 110 -19.91 -21.73 -13.46
CA SER A 110 -19.92 -20.60 -12.55
C SER A 110 -19.16 -19.44 -13.18
N TRP A 111 -19.52 -18.21 -12.78
CA TRP A 111 -18.96 -17.00 -13.35
C TRP A 111 -19.31 -15.81 -12.45
N GLY A 112 -18.88 -14.62 -12.86
CA GLY A 112 -19.21 -13.41 -12.12
C GLY A 112 -18.35 -13.11 -10.93
N TYR A 113 -17.21 -13.78 -10.79
CA TYR A 113 -16.15 -13.37 -9.87
C TYR A 113 -14.92 -12.96 -10.66
N PHE A 114 -13.89 -12.50 -9.96
CA PHE A 114 -12.73 -11.85 -10.56
C PHE A 114 -11.49 -12.68 -10.18
N ASP A 115 -10.99 -13.53 -11.09
CA ASP A 115 -9.95 -14.48 -10.66
C ASP A 115 -8.52 -14.01 -10.92
N TYR A 116 -8.29 -13.08 -11.85
CA TYR A 116 -6.97 -12.51 -12.08
C TYR A 116 -7.14 -11.02 -12.33
N TRP A 117 -6.19 -10.23 -11.84
CA TRP A 117 -6.34 -8.78 -11.79
C TRP A 117 -5.10 -8.13 -12.40
N GLY A 118 -5.30 -6.98 -13.08
CA GLY A 118 -4.17 -6.16 -13.47
C GLY A 118 -3.48 -5.54 -12.26
N GLN A 119 -2.32 -4.93 -12.50
CA GLN A 119 -1.56 -4.31 -11.42
C GLN A 119 -2.23 -3.04 -10.93
N GLY A 120 -3.19 -2.51 -11.67
CA GLY A 120 -3.83 -1.27 -11.26
C GLY A 120 -3.23 -0.08 -11.97
N SER A 121 -4.06 0.90 -12.32
CA SER A 121 -3.62 2.13 -12.94
C SER A 121 -4.33 3.27 -12.23
N LEU A 122 -3.53 4.16 -11.63
CA LEU A 122 -4.06 5.31 -10.93
C LEU A 122 -4.48 6.41 -11.90
N VAL A 123 -5.73 6.83 -11.78
CA VAL A 123 -6.28 7.98 -12.49
C VAL A 123 -6.60 9.05 -11.44
N THR A 124 -5.95 10.22 -11.55
CA THR A 124 -6.18 11.32 -10.62
C THR A 124 -6.89 12.41 -11.40
N VAL A 125 -8.15 12.70 -11.03
CA VAL A 125 -8.92 13.75 -11.71
C VAL A 125 -8.92 14.98 -10.82
N SER A 126 -8.35 16.08 -11.30
CA SER A 126 -8.12 17.24 -10.45
C SER A 126 -7.93 18.46 -11.34
N SER A 127 -8.42 19.61 -10.90
CA SER A 127 -8.13 20.86 -11.59
C SER A 127 -6.81 21.49 -11.13
N ALA A 128 -6.10 20.86 -10.19
CA ALA A 128 -4.85 21.44 -9.70
C ALA A 128 -3.76 21.39 -10.75
N SER A 129 -2.85 22.37 -10.70
CA SER A 129 -1.71 22.43 -11.60
C SER A 129 -0.48 21.87 -10.92
N THR A 130 0.43 21.34 -11.73
CA THR A 130 1.68 20.82 -11.21
C THR A 130 2.39 21.89 -10.39
N LYS A 131 2.83 21.48 -9.18
CA LYS A 131 3.41 22.38 -8.18
C LYS A 131 4.29 21.56 -7.25
N GLY A 132 5.54 22.01 -7.07
CA GLY A 132 6.41 21.37 -6.09
C GLY A 132 6.08 21.81 -4.66
N PRO A 133 6.53 21.04 -3.69
CA PRO A 133 6.25 21.41 -2.29
C PRO A 133 7.13 22.54 -1.77
N SER A 134 6.58 23.26 -0.78
CA SER A 134 7.36 24.10 0.13
C SER A 134 7.81 23.24 1.30
N VAL A 135 9.09 23.31 1.64
CA VAL A 135 9.64 22.40 2.65
C VAL A 135 10.01 23.22 3.88
N PHE A 136 9.49 22.82 5.06
CA PHE A 136 9.70 23.62 6.28
C PHE A 136 10.24 22.69 7.36
N PRO A 137 11.13 23.18 8.24
CA PRO A 137 11.64 22.33 9.32
C PRO A 137 10.58 22.11 10.38
N LEU A 138 10.63 20.92 10.97
CA LEU A 138 9.92 20.58 12.22
C LEU A 138 11.02 20.54 13.26
N ALA A 139 11.22 21.71 13.94
CA ALA A 139 12.42 21.90 14.77
C ALA A 139 12.32 21.12 16.08
N PRO A 140 13.39 20.46 16.51
CA PRO A 140 13.37 19.75 17.80
C PRO A 140 13.58 20.72 18.96
N SER A 141 12.95 20.40 20.08
CA SER A 141 13.03 21.22 21.29
C SER A 141 12.74 20.32 22.47
N SER A 142 12.67 20.91 23.67
CA SER A 142 12.21 20.19 24.87
C SER A 142 10.81 19.61 24.68
N LYS A 143 9.99 20.24 23.83
CA LYS A 143 8.60 19.85 23.59
C LYS A 143 8.49 18.75 22.54
N SER A 144 9.60 18.38 21.89
CA SER A 144 9.69 17.19 21.06
C SER A 144 10.77 16.25 21.61
N THR A 145 10.92 16.20 22.93
CA THR A 145 11.79 15.22 23.55
C THR A 145 10.92 14.37 24.47
N SER A 146 11.16 13.08 24.46
CA SER A 146 10.53 12.17 25.41
C SER A 146 11.63 11.27 25.93
N GLY A 147 11.88 11.31 27.25
CA GLY A 147 13.05 10.62 27.76
C GLY A 147 14.32 11.21 27.15
N GLY A 148 15.23 10.34 26.70
CA GLY A 148 16.47 10.79 26.08
C GLY A 148 16.38 10.84 24.57
N THR A 149 15.16 10.81 24.03
CA THR A 149 14.90 10.78 22.59
C THR A 149 14.31 12.10 22.14
N ALA A 150 14.83 12.64 21.04
CA ALA A 150 14.24 13.84 20.47
C ALA A 150 13.65 13.47 19.12
N ALA A 151 12.54 14.12 18.76
CA ALA A 151 12.02 14.00 17.39
C ALA A 151 12.24 15.29 16.62
N LEU A 152 12.48 15.12 15.31
CA LEU A 152 12.58 16.26 14.41
C LEU A 152 12.06 15.84 13.03
N GLY A 153 11.93 16.80 12.11
CA GLY A 153 11.30 16.41 10.87
C GLY A 153 11.23 17.53 9.86
N CYS A 154 10.51 17.27 8.78
CA CYS A 154 10.30 18.27 7.70
CA CYS A 154 10.22 18.38 7.89
C CYS A 154 8.84 18.18 7.27
N LEU A 155 8.18 19.30 7.11
CA LEU A 155 6.83 19.35 6.60
C LEU A 155 6.92 19.69 5.10
N VAL A 156 6.26 18.88 4.26
CA VAL A 156 6.41 18.92 2.80
C VAL A 156 5.02 19.31 2.27
N LYS A 157 4.78 20.61 2.11
CA LYS A 157 3.43 21.14 2.03
C LYS A 157 3.08 21.67 0.63
N ASP A 158 1.81 21.46 0.23
CA ASP A 158 1.22 22.19 -0.92
C ASP A 158 1.86 21.76 -2.25
N TYR A 159 1.86 20.46 -2.53
CA TYR A 159 2.36 19.96 -3.80
C TYR A 159 1.29 19.20 -4.57
N PHE A 160 1.55 18.99 -5.87
CA PHE A 160 0.62 18.26 -6.72
C PHE A 160 1.34 17.86 -7.99
N PRO A 161 1.15 16.65 -8.49
CA PRO A 161 0.42 15.56 -7.81
C PRO A 161 1.32 14.71 -6.94
N GLU A 162 0.79 13.62 -6.39
CA GLU A 162 1.68 12.67 -5.78
CA GLU A 162 1.64 12.62 -5.78
C GLU A 162 2.56 12.00 -6.84
N PRO A 163 3.72 11.46 -6.42
CA PRO A 163 4.27 11.42 -5.08
C PRO A 163 5.49 12.30 -4.82
N VAL A 164 5.86 12.37 -3.54
CA VAL A 164 7.11 12.97 -3.13
CA VAL A 164 7.10 12.98 -3.09
C VAL A 164 7.91 11.90 -2.41
N THR A 165 9.24 12.00 -2.48
CA THR A 165 10.09 11.16 -1.64
C THR A 165 10.88 12.04 -0.67
N VAL A 166 11.18 11.50 0.52
CA VAL A 166 12.01 12.20 1.49
C VAL A 166 13.12 11.27 1.95
N SER A 167 14.36 11.77 1.97
CA SER A 167 15.44 11.07 2.62
C SER A 167 16.07 11.96 3.70
N TRP A 168 16.91 11.35 4.55
CA TRP A 168 17.58 12.08 5.62
C TRP A 168 19.09 11.94 5.50
N ASN A 169 19.78 13.08 5.51
CA ASN A 169 21.24 13.12 5.46
C ASN A 169 21.74 12.39 4.23
N SER A 170 21.09 12.67 3.10
CA SER A 170 21.41 12.10 1.80
C SER A 170 21.43 10.58 1.84
N GLY A 171 20.56 10.00 2.67
CA GLY A 171 20.39 8.57 2.77
C GLY A 171 21.17 7.90 3.86
N ALA A 172 21.98 8.65 4.62
CA ALA A 172 22.81 8.03 5.64
C ALA A 172 22.05 7.80 6.94
N LEU A 173 20.92 8.45 7.11
CA LEU A 173 20.08 8.30 8.30
C LEU A 173 18.78 7.64 7.87
N THR A 174 18.59 6.38 8.32
CA THR A 174 17.37 5.67 7.99
C THR A 174 16.66 5.11 9.22
N SER A 175 17.41 4.79 10.27
CA SER A 175 16.81 4.24 11.48
C SER A 175 15.84 5.24 12.10
N GLY A 176 14.65 4.77 12.47
CA GLY A 176 13.69 5.64 13.15
C GLY A 176 12.93 6.67 12.31
N VAL A 177 13.01 6.59 10.96
CA VAL A 177 12.28 7.51 10.09
C VAL A 177 10.86 7.01 9.88
N HIS A 178 9.91 7.94 9.96
CA HIS A 178 8.52 7.69 9.54
C HIS A 178 8.09 8.77 8.55
N THR A 179 7.79 8.38 7.33
CA THR A 179 7.28 9.35 6.38
C THR A 179 5.80 9.07 6.18
N PHE A 180 4.99 10.03 6.54
CA PHE A 180 3.57 9.77 6.62
C PHE A 180 2.92 9.76 5.25
N PRO A 181 1.80 9.02 5.09
CA PRO A 181 0.95 9.20 3.89
C PRO A 181 0.44 10.63 3.73
N ALA A 182 0.44 11.08 2.48
CA ALA A 182 -0.04 12.42 2.21
C ALA A 182 -1.52 12.55 2.53
N VAL A 183 -1.93 13.78 2.87
CA VAL A 183 -3.33 14.15 2.97
C VAL A 183 -3.62 15.14 1.86
N LEU A 184 -4.78 14.98 1.21
CA LEU A 184 -5.29 15.99 0.27
C LEU A 184 -6.00 17.09 1.05
N GLN A 185 -5.48 18.31 0.95
CA GLN A 185 -6.07 19.45 1.61
C GLN A 185 -7.27 19.97 0.82
N SER A 186 -8.07 20.78 1.50
CA SER A 186 -9.23 21.40 0.89
C SER A 186 -8.86 22.23 -0.34
N SER A 187 -7.63 22.73 -0.40
CA SER A 187 -7.13 23.46 -1.55
C SER A 187 -6.92 22.59 -2.78
N GLY A 188 -6.99 21.25 -2.67
CA GLY A 188 -6.59 20.41 -3.79
C GLY A 188 -5.11 20.10 -3.89
N LEU A 189 -4.28 20.55 -2.95
CA LEU A 189 -2.86 20.23 -2.93
C LEU A 189 -2.60 19.25 -1.79
N TYR A 190 -1.53 18.47 -1.94
CA TYR A 190 -1.19 17.49 -0.90
C TYR A 190 -0.19 18.05 0.12
N SER A 191 -0.12 17.41 1.27
CA SER A 191 0.90 17.78 2.26
C SER A 191 1.24 16.54 3.06
N LEU A 192 2.52 16.38 3.38
CA LEU A 192 2.90 15.31 4.32
C LEU A 192 4.07 15.75 5.18
N SER A 193 4.31 15.00 6.26
CA SER A 193 5.48 15.19 7.10
CA SER A 193 5.49 15.22 7.07
C SER A 193 6.35 13.95 7.09
N SER A 194 7.64 14.15 7.28
CA SER A 194 8.58 13.05 7.51
C SER A 194 9.29 13.34 8.81
N VAL A 195 9.30 12.37 9.75
CA VAL A 195 9.93 12.60 11.05
C VAL A 195 10.99 11.54 11.32
N VAL A 196 11.86 11.84 12.27
CA VAL A 196 12.84 10.86 12.72
C VAL A 196 13.11 11.10 14.21
N THR A 197 13.33 10.02 14.95
CA THR A 197 13.75 10.20 16.32
C THR A 197 15.24 9.90 16.44
N VAL A 198 15.91 10.64 17.30
CA VAL A 198 17.37 10.60 17.43
C VAL A 198 17.69 10.82 18.91
N PRO A 199 18.90 10.44 19.34
CA PRO A 199 19.28 10.74 20.72
C PRO A 199 19.31 12.25 20.92
N SER A 200 18.73 12.69 22.04
CA SER A 200 18.68 14.12 22.31
CA SER A 200 18.68 14.13 22.31
C SER A 200 20.07 14.74 22.46
N SER A 201 21.07 13.93 22.85
CA SER A 201 22.42 14.43 23.04
C SER A 201 23.10 14.78 21.73
N SER A 202 22.53 14.35 20.61
CA SER A 202 23.10 14.59 19.31
C SER A 202 22.62 15.90 18.71
N LEU A 203 21.71 16.62 19.39
CA LEU A 203 21.15 17.81 18.79
C LEU A 203 22.18 18.92 18.69
N GLY A 204 23.11 19.00 19.65
CA GLY A 204 24.12 20.05 19.61
C GLY A 204 25.22 19.84 18.59
N THR A 205 25.54 18.59 18.25
CA THR A 205 26.68 18.29 17.39
C THR A 205 26.31 17.79 16.00
N GLN A 206 25.18 17.11 15.82
CA GLN A 206 24.84 16.46 14.56
C GLN A 206 23.95 17.35 13.71
N THR A 207 24.31 17.55 12.44
CA THR A 207 23.44 18.31 11.54
C THR A 207 22.45 17.37 10.84
N TYR A 208 21.18 17.76 10.83
CA TYR A 208 20.10 16.96 10.29
C TYR A 208 19.50 17.71 9.11
N ILE A 209 19.52 17.08 7.93
CA ILE A 209 19.02 17.70 6.70
C ILE A 209 18.04 16.73 6.04
N CYS A 210 16.85 17.20 5.67
CA CYS A 210 15.97 16.37 4.89
C CYS A 210 16.13 16.70 3.41
N ASN A 211 16.05 15.67 2.58
CA ASN A 211 16.25 15.79 1.12
C ASN A 211 14.93 15.43 0.45
N VAL A 212 14.27 16.40 -0.19
CA VAL A 212 12.91 16.20 -0.67
C VAL A 212 12.96 16.22 -2.19
N ASN A 213 12.31 15.23 -2.83
CA ASN A 213 12.26 15.11 -4.31
C ASN A 213 10.78 15.04 -4.75
N HIS A 214 10.36 15.94 -5.64
CA HIS A 214 9.03 15.83 -6.25
C HIS A 214 9.27 15.78 -7.77
N LYS A 215 9.30 14.57 -8.33
CA LYS A 215 9.69 14.43 -9.73
C LYS A 215 8.76 15.15 -10.72
N PRO A 216 7.43 15.19 -10.53
CA PRO A 216 6.60 15.86 -11.54
C PRO A 216 6.92 17.33 -11.80
N SER A 217 7.34 18.08 -10.77
CA SER A 217 7.72 19.49 -10.92
C SER A 217 9.24 19.71 -10.98
N ASN A 218 10.03 18.63 -10.92
CA ASN A 218 11.49 18.71 -10.88
C ASN A 218 12.00 19.47 -9.64
N THR A 219 11.26 19.40 -8.52
CA THR A 219 11.67 20.04 -7.29
C THR A 219 12.66 19.17 -6.54
N LYS A 220 13.77 19.76 -6.11
CA LYS A 220 14.75 19.14 -5.23
C LYS A 220 15.11 20.14 -4.16
N VAL A 221 14.93 19.76 -2.89
CA VAL A 221 15.17 20.70 -1.80
C VAL A 221 15.94 19.98 -0.70
N ASP A 222 17.11 20.52 -0.31
CA ASP A 222 17.75 20.14 0.97
C ASP A 222 17.45 21.18 2.06
N LYS A 223 16.84 20.73 3.16
CA LYS A 223 16.44 21.64 4.24
C LYS A 223 17.12 21.24 5.54
N LYS A 224 17.96 22.13 6.04
CA LYS A 224 18.53 21.99 7.39
C LYS A 224 17.43 22.10 8.43
N VAL A 225 17.45 21.20 9.42
CA VAL A 225 16.48 21.24 10.51
C VAL A 225 17.25 21.58 11.79
N GLU A 226 17.17 22.85 12.22
CA GLU A 226 17.98 23.27 13.36
C GLU A 226 17.14 23.32 14.63
N PRO A 227 17.71 23.13 15.81
CA PRO A 227 16.88 23.08 17.03
C PRO A 227 16.31 24.45 17.41
N LYS A 228 15.31 24.42 18.29
CA LYS A 228 14.66 25.62 18.83
C LYS A 228 14.57 25.47 20.35
N SER A 229 14.05 26.49 21.02
CA SER A 229 14.06 26.49 22.48
CA SER A 229 14.06 26.47 22.49
C SER A 229 12.66 26.62 23.09
N CYS A 230 11.71 25.83 22.60
CA CYS A 230 10.35 25.83 23.14
C CYS A 230 10.29 25.33 24.58
N GLU B 1 -30.20 -2.58 -4.69
CA GLU B 1 -28.86 -3.15 -4.59
C GLU B 1 -28.66 -3.93 -3.30
N ILE B 2 -27.87 -4.98 -3.38
CA ILE B 2 -27.54 -5.82 -2.24
C ILE B 2 -26.33 -5.22 -1.54
N VAL B 3 -26.49 -4.85 -0.28
CA VAL B 3 -25.41 -4.34 0.55
C VAL B 3 -24.80 -5.49 1.34
N LEU B 4 -23.47 -5.59 1.32
CA LEU B 4 -22.72 -6.55 2.11
C LEU B 4 -22.08 -5.84 3.30
N THR B 5 -22.35 -6.34 4.51
CA THR B 5 -21.79 -5.80 5.75
C THR B 5 -20.83 -6.83 6.35
N GLN B 6 -19.56 -6.46 6.45
CA GLN B 6 -18.50 -7.27 7.07
C GLN B 6 -18.30 -6.87 8.53
N SER B 7 -17.94 -7.86 9.35
CA SER B 7 -17.58 -7.63 10.74
C SER B 7 -16.57 -8.68 11.15
N PRO B 8 -15.68 -8.37 12.08
CA PRO B 8 -15.45 -7.07 12.69
C PRO B 8 -14.71 -6.16 11.69
N ALA B 9 -14.59 -4.86 12.00
CA ALA B 9 -13.84 -3.96 11.12
C ALA B 9 -12.36 -4.32 11.11
N THR B 10 -11.82 -4.64 12.28
CA THR B 10 -10.44 -5.05 12.44
C THR B 10 -10.41 -6.27 13.37
N LEU B 11 -9.60 -7.26 13.00
CA LEU B 11 -9.35 -8.47 13.76
C LEU B 11 -7.86 -8.51 14.09
N SER B 12 -7.51 -8.50 15.38
CA SER B 12 -6.12 -8.44 15.85
C SER B 12 -5.72 -9.81 16.40
N LEU B 13 -4.88 -10.52 15.62
CA LEU B 13 -4.54 -11.89 15.97
C LEU B 13 -3.06 -12.19 15.78
N SER B 14 -2.65 -13.39 16.20
CA SER B 14 -1.27 -13.85 16.10
C SER B 14 -1.16 -15.05 15.19
N PRO B 15 0.00 -15.24 14.52
CA PRO B 15 0.19 -16.46 13.72
C PRO B 15 -0.11 -17.72 14.52
N GLY B 16 -0.80 -18.67 13.87
CA GLY B 16 -1.21 -19.94 14.45
C GLY B 16 -2.68 -19.96 14.85
N GLU B 17 -3.24 -18.81 15.16
CA GLU B 17 -4.61 -18.70 15.64
C GLU B 17 -5.62 -18.82 14.52
N ARG B 18 -6.82 -19.26 14.88
CA ARG B 18 -7.91 -19.33 13.94
C ARG B 18 -8.53 -17.96 13.81
N ALA B 19 -8.77 -17.55 12.55
CA ALA B 19 -9.46 -16.30 12.24
C ALA B 19 -10.82 -16.61 11.64
N THR B 20 -11.84 -15.90 12.10
CA THR B 20 -13.20 -16.06 11.59
C THR B 20 -13.73 -14.71 11.19
N LEU B 21 -14.05 -14.54 9.90
CA LEU B 21 -14.56 -13.30 9.32
C LEU B 21 -16.00 -13.50 8.87
N SER B 22 -16.87 -12.50 9.12
CA SER B 22 -18.27 -12.58 8.75
C SER B 22 -18.64 -11.59 7.64
N CYS B 23 -19.60 -11.98 6.81
CA CYS B 23 -20.15 -11.10 5.79
C CYS B 23 -21.66 -11.31 5.76
N ARG B 24 -22.43 -10.24 5.91
CA ARG B 24 -23.90 -10.31 5.96
C ARG B 24 -24.50 -9.53 4.78
N ALA B 25 -25.37 -10.18 4.02
CA ALA B 25 -26.00 -9.57 2.86
C ALA B 25 -27.38 -9.06 3.20
N SER B 26 -27.74 -7.92 2.62
CA SER B 26 -29.03 -7.30 2.92
C SER B 26 -30.21 -8.15 2.44
N GLN B 27 -29.98 -9.10 1.56
CA GLN B 27 -30.98 -10.07 1.12
C GLN B 27 -30.26 -11.24 0.50
N SER B 28 -30.99 -12.34 0.29
CA SER B 28 -30.32 -13.58 -0.07
C SER B 28 -29.53 -13.42 -1.36
N VAL B 29 -28.30 -13.91 -1.36
CA VAL B 29 -27.50 -14.03 -2.57
C VAL B 29 -27.32 -15.50 -2.95
N SER B 30 -28.15 -16.38 -2.39
CA SER B 30 -28.00 -17.83 -2.49
C SER B 30 -26.57 -18.20 -2.14
N SER B 31 -25.83 -18.81 -3.06
CA SER B 31 -24.44 -19.13 -2.81
C SER B 31 -23.48 -18.30 -3.67
N TYR B 32 -23.93 -17.16 -4.18
CA TYR B 32 -23.20 -16.38 -5.17
C TYR B 32 -22.27 -15.35 -4.51
N LEU B 33 -21.36 -15.85 -3.67
CA LEU B 33 -20.49 -15.03 -2.86
C LEU B 33 -19.03 -15.44 -3.06
N ALA B 34 -18.14 -14.46 -3.03
CA ALA B 34 -16.71 -14.72 -3.09
C ALA B 34 -16.00 -13.93 -2.01
N TRP B 35 -14.79 -14.36 -1.69
CA TRP B 35 -13.91 -13.68 -0.76
C TRP B 35 -12.60 -13.34 -1.47
N TYR B 36 -12.07 -12.14 -1.15
CA TYR B 36 -10.79 -11.66 -1.66
C TYR B 36 -9.89 -11.22 -0.51
N GLN B 37 -8.58 -11.31 -0.78
CA GLN B 37 -7.50 -10.79 0.06
C GLN B 37 -6.79 -9.65 -0.66
N GLN B 38 -6.48 -8.55 0.03
CA GLN B 38 -5.75 -7.46 -0.61
C GLN B 38 -4.71 -6.92 0.35
N LYS B 39 -3.45 -6.80 -0.13
CA LYS B 39 -2.40 -6.13 0.63
C LYS B 39 -2.17 -4.73 0.13
N PRO B 40 -1.55 -3.86 0.95
CA PRO B 40 -1.29 -2.48 0.50
C PRO B 40 -0.49 -2.44 -0.79
N GLY B 41 -0.99 -1.64 -1.73
CA GLY B 41 -0.30 -1.41 -2.97
C GLY B 41 -0.49 -2.51 -3.99
N GLN B 42 -1.28 -3.55 -3.68
CA GLN B 42 -1.46 -4.68 -4.57
C GLN B 42 -2.91 -4.85 -4.99
N ALA B 43 -3.09 -5.58 -6.07
CA ALA B 43 -4.43 -5.92 -6.46
C ALA B 43 -5.01 -6.96 -5.51
N PRO B 44 -6.32 -7.03 -5.43
CA PRO B 44 -6.97 -8.14 -4.72
C PRO B 44 -6.69 -9.49 -5.35
N ARG B 45 -6.97 -10.54 -4.57
CA ARG B 45 -6.75 -11.93 -4.95
C ARG B 45 -7.97 -12.77 -4.55
N LEU B 46 -8.50 -13.53 -5.51
CA LEU B 46 -9.66 -14.38 -5.23
C LEU B 46 -9.25 -15.58 -4.37
N LEU B 47 -9.97 -15.78 -3.27
CA LEU B 47 -9.74 -16.91 -2.37
C LEU B 47 -10.78 -18.01 -2.50
N ILE B 48 -12.06 -17.62 -2.50
CA ILE B 48 -13.19 -18.51 -2.35
C ILE B 48 -14.30 -17.95 -3.23
N PHE B 49 -14.96 -18.83 -3.99
CA PHE B 49 -16.11 -18.43 -4.81
C PHE B 49 -17.23 -19.46 -4.66
N ASP B 50 -18.44 -19.05 -5.05
CA ASP B 50 -19.66 -19.84 -4.81
C ASP B 50 -19.73 -20.25 -3.34
N ALA B 51 -19.37 -19.30 -2.46
CA ALA B 51 -19.47 -19.38 -1.00
C ALA B 51 -18.48 -20.37 -0.36
N SER B 52 -18.17 -21.49 -1.03
CA SER B 52 -17.32 -22.47 -0.38
C SER B 52 -16.24 -23.11 -1.27
N ILE B 53 -16.11 -22.73 -2.54
CA ILE B 53 -15.15 -23.39 -3.42
C ILE B 53 -13.84 -22.65 -3.37
N ARG B 54 -12.76 -23.36 -3.05
CA ARG B 54 -11.46 -22.71 -3.01
C ARG B 54 -10.88 -22.55 -4.43
N ALA B 55 -10.35 -21.36 -4.70
CA ALA B 55 -9.69 -21.06 -5.96
C ALA B 55 -8.40 -21.86 -6.08
N THR B 56 -7.97 -22.07 -7.32
CA THR B 56 -6.70 -22.73 -7.58
C THR B 56 -5.54 -22.03 -6.89
N GLY B 57 -4.65 -22.81 -6.28
CA GLY B 57 -3.48 -22.20 -5.71
C GLY B 57 -3.71 -21.49 -4.39
N ILE B 58 -4.90 -21.59 -3.79
CA ILE B 58 -5.17 -21.01 -2.49
C ILE B 58 -4.92 -22.09 -1.44
N PRO B 59 -4.21 -21.78 -0.36
CA PRO B 59 -3.95 -22.81 0.68
C PRO B 59 -5.22 -23.35 1.31
N ALA B 60 -5.15 -24.61 1.73
CA ALA B 60 -6.27 -25.33 2.31
C ALA B 60 -6.74 -24.71 3.63
N ARG B 61 -5.90 -23.90 4.27
CA ARG B 61 -6.29 -23.30 5.54
C ARG B 61 -7.42 -22.29 5.38
N PHE B 62 -7.67 -21.81 4.17
CA PHE B 62 -8.80 -20.95 3.89
C PHE B 62 -10.02 -21.79 3.55
N SER B 63 -11.15 -21.47 4.16
CA SER B 63 -12.41 -22.14 3.82
C SER B 63 -13.57 -21.19 4.02
N GLY B 64 -14.60 -21.39 3.21
CA GLY B 64 -15.77 -20.54 3.22
C GLY B 64 -16.99 -21.38 3.51
N SER B 65 -17.99 -20.77 4.14
CA SER B 65 -19.24 -21.45 4.38
C SER B 65 -20.36 -20.42 4.39
N GLY B 66 -21.58 -20.92 4.33
CA GLY B 66 -22.77 -20.11 4.38
C GLY B 66 -23.57 -20.16 3.10
N SER B 67 -24.77 -19.61 3.19
CA SER B 67 -25.69 -19.46 2.07
C SER B 67 -26.80 -18.53 2.51
N GLY B 68 -27.47 -17.91 1.53
CA GLY B 68 -28.55 -17.01 1.85
C GLY B 68 -28.04 -15.64 2.22
N THR B 69 -27.98 -15.33 3.53
CA THR B 69 -27.58 -14.00 3.96
C THR B 69 -26.37 -13.96 4.89
N ASP B 70 -25.91 -15.09 5.42
CA ASP B 70 -24.81 -15.09 6.38
C ASP B 70 -23.68 -15.99 5.88
N PHE B 71 -22.46 -15.45 5.86
CA PHE B 71 -21.31 -16.12 5.31
C PHE B 71 -20.13 -15.92 6.24
N THR B 72 -19.22 -16.90 6.21
CA THR B 72 -18.03 -16.90 7.04
C THR B 72 -16.83 -17.32 6.22
N LEU B 73 -15.72 -16.61 6.40
CA LEU B 73 -14.42 -17.06 5.93
C LEU B 73 -13.62 -17.45 7.15
N THR B 74 -13.08 -18.67 7.16
CA THR B 74 -12.27 -19.15 8.28
C THR B 74 -10.86 -19.41 7.77
N ILE B 75 -9.85 -18.97 8.53
CA ILE B 75 -8.46 -19.33 8.34
C ILE B 75 -8.09 -20.20 9.53
N SER B 76 -7.79 -21.49 9.33
CA SER B 76 -7.70 -22.41 10.48
C SER B 76 -6.47 -22.13 11.34
N SER B 77 -5.35 -21.76 10.71
CA SER B 77 -4.10 -21.38 11.37
C SER B 77 -3.58 -20.20 10.59
N LEU B 78 -3.67 -18.99 11.16
CA LEU B 78 -3.19 -17.79 10.46
C LEU B 78 -1.69 -17.86 10.22
N GLU B 79 -1.24 -17.39 9.06
CA GLU B 79 0.20 -17.31 8.82
C GLU B 79 0.60 -15.88 8.42
N PRO B 80 1.89 -15.53 8.50
CA PRO B 80 2.26 -14.10 8.32
C PRO B 80 1.83 -13.51 6.98
N GLU B 81 1.78 -14.33 5.94
CA GLU B 81 1.32 -13.78 4.66
C GLU B 81 -0.17 -13.51 4.62
N ASP B 82 -0.91 -13.80 5.69
CA ASP B 82 -2.34 -13.61 5.70
C ASP B 82 -2.77 -12.28 6.29
N PHE B 83 -1.86 -11.52 6.90
CA PHE B 83 -2.22 -10.20 7.42
C PHE B 83 -2.47 -9.27 6.23
N ALA B 84 -3.70 -8.77 6.12
CA ALA B 84 -4.19 -8.17 4.88
C ALA B 84 -5.61 -7.68 5.12
N VAL B 85 -6.24 -7.09 4.12
CA VAL B 85 -7.65 -6.73 4.19
C VAL B 85 -8.45 -7.74 3.38
N TYR B 86 -9.59 -8.18 3.94
CA TYR B 86 -10.43 -9.18 3.27
C TYR B 86 -11.77 -8.57 2.88
N TYR B 87 -12.19 -8.82 1.64
CA TYR B 87 -13.48 -8.36 1.15
C TYR B 87 -14.37 -9.52 0.73
N CYS B 88 -15.69 -9.37 0.97
CA CYS B 88 -16.62 -10.27 0.30
C CYS B 88 -17.29 -9.59 -0.91
N GLN B 89 -17.81 -10.43 -1.81
CA GLN B 89 -18.39 -9.92 -3.06
C GLN B 89 -19.52 -10.85 -3.47
N GLN B 90 -20.62 -10.28 -3.95
CA GLN B 90 -21.72 -11.09 -4.48
C GLN B 90 -21.92 -10.81 -5.98
N ARG B 91 -22.43 -11.83 -6.70
CA ARG B 91 -22.80 -11.68 -8.11
C ARG B 91 -24.22 -12.18 -8.35
N SER B 92 -25.05 -12.17 -7.30
CA SER B 92 -26.46 -12.52 -7.45
C SER B 92 -27.22 -11.44 -8.21
N ASN B 93 -26.97 -10.18 -7.88
CA ASN B 93 -27.66 -9.04 -8.50
C ASN B 93 -26.62 -7.94 -8.68
N TRP B 94 -26.19 -7.73 -9.92
CA TRP B 94 -25.07 -6.82 -10.27
C TRP B 94 -23.85 -7.30 -9.48
N TYR B 95 -23.00 -6.38 -9.00
CA TYR B 95 -21.70 -6.74 -8.43
C TYR B 95 -21.38 -5.76 -7.31
N THR B 96 -21.46 -6.21 -6.05
CA THR B 96 -21.18 -5.34 -4.92
C THR B 96 -20.18 -6.02 -4.00
N PHE B 97 -19.47 -5.20 -3.22
CA PHE B 97 -18.45 -5.65 -2.28
C PHE B 97 -18.77 -5.17 -0.87
N GLY B 98 -18.33 -5.95 0.12
CA GLY B 98 -18.31 -5.44 1.47
C GLY B 98 -17.24 -4.38 1.66
N GLN B 99 -17.26 -3.71 2.81
CA GLN B 99 -16.31 -2.63 3.03
C GLN B 99 -15.01 -3.08 3.67
N GLY B 100 -14.87 -4.38 3.94
CA GLY B 100 -13.57 -4.94 4.26
C GLY B 100 -13.35 -5.15 5.75
N THR B 101 -12.53 -6.14 6.08
CA THR B 101 -12.10 -6.44 7.45
C THR B 101 -10.58 -6.48 7.42
N LYS B 102 -9.91 -5.71 8.28
CA LYS B 102 -8.46 -5.71 8.28
C LYS B 102 -7.98 -6.72 9.31
N LEU B 103 -7.15 -7.67 8.88
CA LEU B 103 -6.59 -8.66 9.81
C LEU B 103 -5.19 -8.15 10.13
N GLU B 104 -4.97 -7.68 11.36
CA GLU B 104 -3.71 -7.06 11.75
C GLU B 104 -2.98 -7.92 12.78
N ILE B 105 -1.67 -7.68 12.85
CA ILE B 105 -0.75 -8.42 13.72
C ILE B 105 -0.91 -7.89 15.15
N LYS B 106 -1.26 -8.78 16.07
CA LYS B 106 -1.36 -8.35 17.46
C LYS B 106 0.03 -8.27 18.07
N ARG B 107 0.21 -7.31 18.96
CA ARG B 107 1.44 -7.23 19.77
C ARG B 107 1.08 -6.65 21.12
N THR B 108 2.09 -6.46 21.96
CA THR B 108 1.81 -5.86 23.27
C THR B 108 1.52 -4.33 23.17
N VAL B 109 0.94 -3.80 24.24
CA VAL B 109 0.56 -2.38 24.24
C VAL B 109 1.81 -1.53 24.36
N ALA B 110 1.89 -0.46 23.55
CA ALA B 110 2.96 0.53 23.66
C ALA B 110 2.26 1.89 23.59
N ALA B 111 2.36 2.69 24.65
CA ALA B 111 1.80 4.03 24.63
C ALA B 111 2.60 4.90 23.68
N PRO B 112 1.96 5.82 23.01
CA PRO B 112 2.73 6.70 22.11
C PRO B 112 3.63 7.65 22.86
N SER B 113 4.81 7.93 22.30
CA SER B 113 5.56 9.11 22.73
CA SER B 113 5.57 9.10 22.70
C SER B 113 5.02 10.29 21.93
N VAL B 114 4.87 11.42 22.59
CA VAL B 114 4.18 12.59 22.02
C VAL B 114 5.14 13.77 21.84
N PHE B 115 5.07 14.42 20.67
CA PHE B 115 6.00 15.48 20.32
C PHE B 115 5.24 16.59 19.61
N ILE B 116 5.54 17.85 19.93
CA ILE B 116 4.88 18.98 19.24
C ILE B 116 5.94 19.87 18.53
N PHE B 117 5.57 20.39 17.35
CA PHE B 117 6.47 21.25 16.57
C PHE B 117 5.77 22.56 16.24
N PRO B 118 6.41 23.69 16.50
CA PRO B 118 5.83 25.00 16.08
C PRO B 118 5.97 25.22 14.57
N PRO B 119 5.20 26.14 14.03
CA PRO B 119 5.48 26.61 12.65
C PRO B 119 6.85 27.25 12.59
N SER B 120 7.49 27.11 11.42
CA SER B 120 8.76 27.76 11.14
C SER B 120 8.56 29.23 10.86
N ASP B 121 9.57 30.03 11.19
CA ASP B 121 9.54 31.44 10.81
C ASP B 121 9.37 31.60 9.32
N GLU B 122 10.01 30.72 8.54
CA GLU B 122 9.88 30.80 7.09
C GLU B 122 8.44 30.65 6.64
N GLN B 123 7.74 29.63 7.15
CA GLN B 123 6.35 29.49 6.76
C GLN B 123 5.53 30.71 7.18
N LEU B 124 5.75 31.19 8.42
CA LEU B 124 4.99 32.33 8.93
C LEU B 124 5.11 33.55 8.03
N LYS B 125 6.33 33.87 7.58
CA LYS B 125 6.51 35.02 6.70
C LYS B 125 5.66 34.90 5.45
N SER B 126 5.46 33.66 4.97
CA SER B 126 4.70 33.38 3.76
C SER B 126 3.18 33.43 3.97
N GLY B 127 2.68 33.51 5.22
CA GLY B 127 1.27 33.77 5.48
C GLY B 127 0.45 32.69 6.19
N THR B 128 1.06 31.58 6.58
CA THR B 128 0.32 30.44 7.12
C THR B 128 1.13 29.86 8.27
N ALA B 129 0.44 29.19 9.20
CA ALA B 129 1.06 28.48 10.28
C ALA B 129 0.51 27.06 10.34
N SER B 130 1.40 26.10 10.23
CA SER B 130 1.07 24.71 10.47
C SER B 130 1.75 24.32 11.76
N VAL B 131 0.99 23.69 12.67
CA VAL B 131 1.49 23.16 13.92
C VAL B 131 1.34 21.63 13.85
N VAL B 132 2.40 20.90 14.16
CA VAL B 132 2.37 19.43 14.00
C VAL B 132 2.52 18.75 15.35
N CYS B 133 1.66 17.75 15.60
CA CYS B 133 1.78 16.84 16.74
C CYS B 133 2.04 15.43 16.22
N LEU B 134 3.02 14.77 16.82
CA LEU B 134 3.45 13.43 16.43
C LEU B 134 3.18 12.47 17.58
N LEU B 135 2.49 11.38 17.25
CA LEU B 135 2.29 10.22 18.17
C LEU B 135 3.15 9.09 17.61
N ASN B 136 4.21 8.70 18.31
CA ASN B 136 5.19 7.82 17.72
C ASN B 136 5.14 6.43 18.36
N ASN B 137 5.14 5.41 17.51
CA ASN B 137 5.34 3.98 17.86
C ASN B 137 4.39 3.46 18.95
N PHE B 138 3.09 3.47 18.67
CA PHE B 138 2.07 3.04 19.62
C PHE B 138 1.27 1.85 19.09
N TYR B 139 0.67 1.10 20.05
CA TYR B 139 -0.22 -0.01 19.71
C TYR B 139 -1.10 -0.23 20.93
N PRO B 140 -2.41 -0.48 20.79
CA PRO B 140 -3.24 -0.61 19.57
C PRO B 140 -3.48 0.73 18.88
N ARG B 141 -4.22 0.64 17.79
CA ARG B 141 -4.31 1.79 16.88
CA ARG B 141 -4.38 1.76 16.86
C ARG B 141 -5.15 2.93 17.46
N GLU B 142 -6.10 2.64 18.37
CA GLU B 142 -7.05 3.67 18.76
C GLU B 142 -6.38 4.75 19.59
N ALA B 143 -6.60 6.01 19.22
CA ALA B 143 -6.00 7.10 19.97
C ALA B 143 -6.86 8.33 19.73
N LYS B 144 -6.80 9.31 20.63
CA LYS B 144 -7.52 10.57 20.39
C LYS B 144 -6.51 11.71 20.47
N VAL B 145 -6.58 12.64 19.51
CA VAL B 145 -5.71 13.82 19.49
C VAL B 145 -6.61 15.04 19.59
N GLN B 146 -6.33 15.90 20.55
CA GLN B 146 -7.14 17.11 20.74
C GLN B 146 -6.23 18.31 20.70
N TRP B 147 -6.59 19.30 19.88
CA TRP B 147 -5.83 20.53 19.84
C TRP B 147 -6.49 21.61 20.68
N LYS B 148 -5.69 22.38 21.40
CA LYS B 148 -6.16 23.49 22.22
C LYS B 148 -5.28 24.71 21.95
N VAL B 149 -5.92 25.86 21.77
CA VAL B 149 -5.22 27.11 21.45
C VAL B 149 -5.70 28.11 22.49
N ASP B 150 -4.79 28.61 23.33
CA ASP B 150 -5.17 29.42 24.47
C ASP B 150 -6.26 28.76 25.30
N ASN B 151 -6.12 27.44 25.44
CA ASN B 151 -6.95 26.59 26.27
C ASN B 151 -8.33 26.33 25.69
N ALA B 152 -8.58 26.72 24.44
CA ALA B 152 -9.85 26.47 23.77
C ALA B 152 -9.74 25.30 22.81
N LEU B 153 -10.67 24.35 22.93
CA LEU B 153 -10.62 23.16 22.09
C LEU B 153 -10.90 23.52 20.64
N GLN B 154 -10.10 22.96 19.72
CA GLN B 154 -10.20 23.23 18.29
C GLN B 154 -11.07 22.17 17.62
N SER B 155 -11.76 22.58 16.54
CA SER B 155 -12.30 21.56 15.64
C SER B 155 -12.39 22.10 14.22
N GLY B 156 -12.30 21.20 13.25
CA GLY B 156 -12.46 21.51 11.85
C GLY B 156 -11.20 21.97 11.14
N ASN B 157 -10.12 22.24 11.87
CA ASN B 157 -8.93 22.86 11.31
C ASN B 157 -7.68 21.98 11.45
N SER B 158 -7.85 20.65 11.59
CA SER B 158 -6.71 19.74 11.60
C SER B 158 -6.96 18.56 10.67
N GLN B 159 -5.86 17.91 10.21
CA GLN B 159 -5.94 16.65 9.45
C GLN B 159 -4.89 15.68 9.99
N GLU B 160 -5.22 14.40 9.93
CA GLU B 160 -4.42 13.31 10.49
C GLU B 160 -4.00 12.36 9.39
N SER B 161 -2.81 11.77 9.53
CA SER B 161 -2.48 10.58 8.74
C SER B 161 -1.70 9.59 9.60
N VAL B 162 -1.85 8.31 9.29
CA VAL B 162 -1.30 7.22 10.09
CA VAL B 162 -1.28 7.23 10.08
C VAL B 162 -0.49 6.30 9.18
N THR B 163 0.66 5.84 9.66
CA THR B 163 1.45 4.83 8.94
C THR B 163 0.78 3.46 9.00
N GLU B 164 1.24 2.57 8.12
CA GLU B 164 0.91 1.15 8.27
C GLU B 164 1.74 0.55 9.39
N GLN B 165 1.30 -0.61 9.89
CA GLN B 165 2.01 -1.23 10.99
C GLN B 165 3.47 -1.40 10.62
N ASP B 166 4.38 -1.05 11.54
CA ASP B 166 5.80 -1.16 11.21
C ASP B 166 6.24 -2.60 10.97
N SER B 167 7.07 -2.80 9.92
CA SER B 167 7.45 -4.17 9.54
C SER B 167 8.24 -4.88 10.65
N LYS B 168 9.00 -4.13 11.46
CA LYS B 168 9.81 -4.76 12.49
C LYS B 168 9.08 -4.86 13.81
N ASP B 169 8.39 -3.81 14.23
CA ASP B 169 7.84 -3.78 15.60
C ASP B 169 6.30 -3.70 15.66
N SER B 170 5.62 -3.64 14.52
CA SER B 170 4.17 -3.74 14.41
C SER B 170 3.43 -2.58 15.06
N THR B 171 4.11 -1.46 15.34
CA THR B 171 3.44 -0.28 15.88
C THR B 171 2.92 0.63 14.76
N TYR B 172 2.08 1.57 15.17
CA TYR B 172 1.63 2.67 14.33
C TYR B 172 2.29 3.98 14.76
N SER B 173 2.37 4.94 13.82
CA SER B 173 2.63 6.32 14.21
C SER B 173 1.62 7.23 13.52
N LEU B 174 1.40 8.41 14.10
CA LEU B 174 0.34 9.30 13.62
C LEU B 174 0.82 10.75 13.66
N SER B 175 0.50 11.52 12.61
CA SER B 175 0.74 12.94 12.58
CA SER B 175 0.75 12.94 12.52
C SER B 175 -0.59 13.67 12.56
N SER B 176 -0.70 14.74 13.38
CA SER B 176 -1.85 15.64 13.29
C SER B 176 -1.32 17.02 12.95
N THR B 177 -1.87 17.66 11.91
CA THR B 177 -1.45 19.01 11.55
C THR B 177 -2.60 19.98 11.76
N LEU B 178 -2.34 21.01 12.57
CA LEU B 178 -3.29 22.11 12.79
C LEU B 178 -2.87 23.27 11.89
N THR B 179 -3.82 23.81 11.13
CA THR B 179 -3.50 24.87 10.16
C THR B 179 -4.28 26.14 10.47
N LEU B 180 -3.56 27.24 10.66
CA LEU B 180 -4.14 28.57 10.87
C LEU B 180 -3.55 29.58 9.88
N SER B 181 -4.28 30.66 9.61
CA SER B 181 -3.63 31.77 8.92
C SER B 181 -2.60 32.36 9.86
N LYS B 182 -1.60 33.05 9.28
CA LYS B 182 -0.64 33.76 10.12
C LYS B 182 -1.33 34.75 11.06
N ALA B 183 -2.33 35.50 10.54
CA ALA B 183 -3.08 36.44 11.37
C ALA B 183 -3.74 35.78 12.55
N ASP B 184 -4.36 34.62 12.34
CA ASP B 184 -5.01 33.96 13.47
C ASP B 184 -3.97 33.37 14.43
N TYR B 185 -2.90 32.80 13.89
CA TYR B 185 -1.82 32.26 14.72
C TYR B 185 -1.25 33.31 15.66
N GLU B 186 -1.05 34.54 15.16
CA GLU B 186 -0.52 35.58 16.03
CA GLU B 186 -0.58 35.69 15.93
C GLU B 186 -1.56 36.19 16.99
N LYS B 187 -2.80 35.70 16.98
CA LYS B 187 -3.75 36.14 17.96
C LYS B 187 -3.63 35.36 19.27
N HIS B 188 -2.86 34.27 19.30
CA HIS B 188 -2.88 33.39 20.46
C HIS B 188 -1.46 33.07 20.93
N LYS B 189 -1.37 32.63 22.19
CA LYS B 189 -0.08 32.34 22.83
C LYS B 189 0.21 30.84 22.94
N VAL B 190 -0.66 30.07 23.58
CA VAL B 190 -0.36 28.69 23.94
CA VAL B 190 -0.31 28.69 23.91
C VAL B 190 -0.94 27.72 22.91
N TYR B 191 -0.10 26.88 22.34
CA TYR B 191 -0.55 25.87 21.36
C TYR B 191 -0.28 24.49 21.95
N ALA B 192 -1.34 23.68 22.09
CA ALA B 192 -1.22 22.39 22.81
C ALA B 192 -1.85 21.24 22.05
N CYS B 193 -1.22 20.07 22.11
CA CYS B 193 -1.91 18.89 21.61
CA CYS B 193 -1.78 18.83 21.58
C CYS B 193 -1.95 17.89 22.77
N GLU B 194 -3.15 17.37 22.98
CA GLU B 194 -3.48 16.47 24.10
C GLU B 194 -3.82 15.10 23.53
N VAL B 195 -3.16 14.06 24.05
CA VAL B 195 -3.25 12.73 23.47
C VAL B 195 -3.76 11.74 24.52
N THR B 196 -4.76 10.96 24.13
CA THR B 196 -5.16 9.83 24.96
C THR B 196 -4.99 8.51 24.18
N HIS B 197 -4.69 7.45 24.94
CA HIS B 197 -4.40 6.13 24.38
C HIS B 197 -4.61 5.14 25.53
N GLN B 198 -5.05 3.92 25.22
CA GLN B 198 -5.33 2.99 26.34
C GLN B 198 -4.10 2.68 27.16
N GLY B 199 -2.88 2.80 26.63
CA GLY B 199 -1.64 2.64 27.37
C GLY B 199 -1.27 3.78 28.28
N LEU B 200 -1.99 4.92 28.24
CA LEU B 200 -1.66 6.10 29.02
C LEU B 200 -2.60 6.19 30.20
N SER B 201 -2.04 6.34 31.39
CA SER B 201 -2.94 6.42 32.56
C SER B 201 -3.66 7.79 32.59
N SER B 202 -2.97 8.85 32.19
CA SER B 202 -3.56 10.16 32.02
CA SER B 202 -3.56 10.16 32.02
C SER B 202 -3.25 10.67 30.61
N PRO B 203 -4.04 11.62 30.11
CA PRO B 203 -3.67 12.22 28.82
C PRO B 203 -2.32 12.89 28.90
N VAL B 204 -1.59 12.84 27.78
CA VAL B 204 -0.29 13.51 27.67
C VAL B 204 -0.48 14.78 26.83
N THR B 205 -0.15 15.92 27.41
CA THR B 205 -0.19 17.18 26.63
C THR B 205 1.21 17.72 26.39
N LYS B 206 1.47 18.19 25.16
CA LYS B 206 2.70 18.90 24.87
C LYS B 206 2.25 20.25 24.35
N SER B 207 2.92 21.31 24.79
CA SER B 207 2.53 22.64 24.28
C SER B 207 3.73 23.56 24.21
N PHE B 208 3.58 24.64 23.42
CA PHE B 208 4.59 25.68 23.47
C PHE B 208 3.89 27.05 23.47
N ASN B 209 4.65 28.06 23.85
CA ASN B 209 4.23 29.47 23.77
C ASN B 209 4.79 30.13 22.52
N ARG B 210 3.90 30.73 21.73
CA ARG B 210 4.31 31.38 20.48
C ARG B 210 5.36 32.45 20.76
N GLY B 211 6.45 32.43 19.99
CA GLY B 211 7.51 33.40 20.21
C GLY B 211 8.46 33.10 21.35
N GLU B 212 8.30 31.97 22.03
CA GLU B 212 9.32 31.47 22.94
C GLU B 212 10.23 30.43 22.29
N CYS B 213 9.89 29.94 21.11
CA CYS B 213 10.71 28.94 20.48
C CYS B 213 11.93 29.54 19.78
N UNK C 1 17.83 -2.30 8.65
CA UNK C 1 18.87 -1.46 8.10
C UNK C 1 19.45 -1.94 6.77
N VAL C 2 18.84 -2.89 6.08
CA VAL C 2 19.39 -3.41 4.84
C VAL C 2 18.39 -3.14 3.73
N GLN C 3 18.88 -2.76 2.55
CA GLN C 3 18.04 -2.64 1.38
C GLN C 3 18.50 -3.60 0.30
N LEU C 4 17.55 -4.27 -0.36
CA LEU C 4 17.84 -5.20 -1.45
C LEU C 4 17.15 -4.68 -2.72
N UNK C 5 17.92 -4.50 -3.80
CA UNK C 5 17.41 -3.93 -5.05
C UNK C 5 17.52 -4.96 -6.17
N UNK C 6 16.38 -5.37 -6.72
CA UNK C 6 16.35 -6.36 -7.78
C UNK C 6 16.36 -5.71 -9.16
N SER C 7 16.96 -6.42 -10.13
CA SER C 7 16.92 -5.99 -11.52
C SER C 7 17.03 -7.22 -12.42
N GLY C 8 16.92 -6.97 -13.73
CA GLY C 8 17.12 -8.03 -14.71
C GLY C 8 15.87 -8.67 -15.28
N GLY C 9 14.69 -8.37 -14.74
CA GLY C 9 13.48 -9.00 -15.26
C GLY C 9 13.12 -8.48 -16.65
N GLY C 10 12.05 -9.03 -17.18
CA GLY C 10 11.53 -8.58 -18.45
C GLY C 10 10.83 -9.69 -19.22
N UNK C 11 10.54 -9.36 -20.48
CA UNK C 11 9.78 -10.23 -21.38
C UNK C 11 10.75 -11.06 -22.22
N VAL C 12 10.53 -12.37 -22.26
CA VAL C 12 11.40 -13.27 -22.99
C VAL C 12 10.58 -14.38 -23.68
N GLN C 13 11.04 -14.81 -24.87
CA GLN C 13 10.41 -15.91 -25.58
C GLN C 13 10.65 -17.24 -24.89
N UNK C 14 9.71 -18.17 -25.04
CA UNK C 14 9.95 -19.52 -24.53
C UNK C 14 11.25 -20.10 -25.08
N GLY C 15 12.03 -20.75 -24.21
CA GLY C 15 13.34 -21.28 -24.55
C GLY C 15 14.48 -20.33 -24.30
N UNK C 16 14.18 -19.07 -23.99
CA UNK C 16 15.23 -18.06 -23.91
C UNK C 16 15.76 -17.96 -22.48
N SER C 17 16.61 -16.95 -22.24
CA SER C 17 17.40 -16.79 -21.03
C SER C 17 17.37 -15.35 -20.52
N LEU C 18 17.34 -15.19 -19.19
CA LEU C 18 17.62 -13.89 -18.58
C LEU C 18 18.46 -14.12 -17.32
N UNK C 19 18.98 -13.03 -16.73
CA UNK C 19 19.69 -13.14 -15.45
C UNK C 19 19.19 -12.04 -14.53
N LEU C 20 18.72 -12.46 -13.33
CA LEU C 20 18.24 -11.50 -12.34
C LEU C 20 19.38 -11.14 -11.39
N SER C 21 19.35 -9.93 -10.84
CA SER C 21 20.38 -9.54 -9.88
C SER C 21 19.71 -9.00 -8.64
N CYS C 22 20.37 -9.20 -7.48
CA CYS C 22 19.82 -8.71 -6.22
C CYS C 22 20.97 -8.03 -5.49
N UNK C 23 20.94 -6.68 -5.44
CA UNK C 23 22.05 -5.90 -4.92
C UNK C 23 21.74 -5.39 -3.51
N ALA C 24 22.60 -5.71 -2.55
CA ALA C 24 22.37 -5.33 -1.17
C ALA C 24 23.13 -4.08 -0.77
N UNK C 25 22.51 -3.28 0.11
CA UNK C 25 23.13 -2.10 0.67
C UNK C 25 22.90 -2.12 2.17
N UNK C 26 23.94 -1.72 2.90
CA UNK C 26 23.96 -1.47 4.34
C UNK C 26 24.31 -2.67 5.20
N UNK C 27 24.70 -3.77 4.59
CA UNK C 27 25.26 -4.89 5.29
C UNK C 27 26.09 -5.67 4.29
N UNK C 28 27.30 -6.05 4.68
CA UNK C 28 28.09 -6.95 3.86
C UNK C 28 27.41 -8.32 3.81
N UNK C 29 27.03 -8.77 2.61
CA UNK C 29 26.24 -10.00 2.47
C UNK C 29 27.10 -11.27 2.52
N UNK C 30 28.42 -11.14 2.50
CA UNK C 30 29.31 -12.30 2.39
C UNK C 30 29.02 -13.36 3.43
N UNK C 31 28.55 -12.96 4.60
CA UNK C 31 28.38 -13.95 5.67
C UNK C 31 27.03 -14.68 5.65
N UNK C 32 26.11 -14.30 4.77
CA UNK C 32 24.74 -14.80 4.82
C UNK C 32 24.40 -15.51 3.52
N UNK C 33 23.57 -16.53 3.67
CA UNK C 33 22.86 -17.14 2.54
C UNK C 33 21.89 -16.14 1.95
N UNK C 34 21.74 -16.18 0.63
CA UNK C 34 20.76 -15.34 -0.05
C UNK C 34 19.87 -16.22 -0.90
N UNK C 35 18.56 -15.97 -0.89
CA UNK C 35 17.59 -16.88 -1.52
C UNK C 35 16.70 -16.16 -2.53
N TRP C 36 16.24 -16.94 -3.52
CA TRP C 36 15.28 -16.45 -4.53
C TRP C 36 13.94 -17.16 -4.32
N UNK C 37 12.85 -16.40 -4.39
CA UNK C 37 11.50 -16.94 -4.36
C UNK C 37 10.73 -16.37 -5.55
N ARG C 38 9.58 -16.96 -5.88
CA ARG C 38 8.78 -16.36 -6.95
C ARG C 38 7.30 -16.48 -6.61
N GLN C 39 6.52 -15.54 -7.12
CA GLN C 39 5.07 -15.51 -6.84
C GLN C 39 4.35 -15.26 -8.16
N UNK C 40 3.71 -16.30 -8.69
CA UNK C 40 2.81 -16.13 -9.80
C UNK C 40 1.52 -15.44 -9.35
N PRO C 41 0.81 -14.73 -10.25
CA PRO C 41 -0.44 -14.08 -9.86
C PRO C 41 -1.39 -15.03 -9.14
N GLY C 42 -1.89 -14.58 -8.00
CA GLY C 42 -2.85 -15.34 -7.23
C GLY C 42 -2.30 -16.46 -6.36
N UNK C 43 -1.00 -16.78 -6.44
CA UNK C 43 -0.44 -17.92 -5.72
C UNK C 43 0.44 -17.47 -4.57
N UNK C 44 0.81 -18.44 -3.73
CA UNK C 44 1.75 -18.17 -2.66
C UNK C 44 3.17 -18.07 -3.21
N ARG C 45 3.98 -17.34 -2.46
CA ARG C 45 5.40 -17.23 -2.72
C ARG C 45 6.08 -18.60 -2.55
N GLU C 46 6.81 -19.03 -3.57
CA GLU C 46 7.42 -20.36 -3.64
C GLU C 46 8.93 -20.26 -3.73
N UNK C 47 9.60 -21.16 -3.01
CA UNK C 47 11.07 -21.19 -3.08
C UNK C 47 11.60 -21.54 -4.46
N VAL C 48 12.67 -20.85 -4.89
CA VAL C 48 13.38 -21.13 -6.12
C VAL C 48 14.81 -21.62 -5.91
N UNK C 49 15.63 -20.89 -5.18
CA UNK C 49 17.02 -21.33 -5.01
C UNK C 49 17.63 -20.59 -3.83
N UNK C 50 18.68 -21.18 -3.22
CA UNK C 50 19.49 -20.45 -2.25
C UNK C 50 20.96 -20.64 -2.56
N UNK C 51 21.73 -19.53 -2.51
CA UNK C 51 23.18 -19.60 -2.48
C UNK C 51 23.63 -19.39 -1.04
N UNK C 52 24.18 -20.44 -0.41
CA UNK C 52 24.77 -20.23 0.90
C UNK C 52 26.11 -19.47 0.77
N UNK C 53 26.85 -19.34 1.88
CA UNK C 53 28.13 -18.65 1.76
C UNK C 53 29.05 -19.42 0.81
N UNK C 54 30.03 -18.72 0.21
CA UNK C 54 30.94 -19.35 -0.75
C UNK C 54 31.55 -20.62 -0.17
N UNK C 55 31.30 -21.74 -0.85
CA UNK C 55 31.79 -23.09 -0.57
C UNK C 55 30.84 -23.94 0.26
N UNK C 56 29.72 -23.36 0.71
CA UNK C 56 28.68 -24.08 1.42
C UNK C 56 27.53 -24.52 0.52
N UNK C 57 27.61 -24.22 -0.80
CA UNK C 57 26.78 -24.80 -1.85
C UNK C 57 25.52 -24.02 -2.18
N UNK C 58 24.81 -24.49 -3.20
CA UNK C 58 23.53 -23.95 -3.61
C UNK C 58 22.52 -25.09 -3.67
N UNK C 59 21.28 -24.77 -3.32
CA UNK C 59 20.21 -25.74 -3.30
C UNK C 59 19.01 -25.15 -4.02
N UNK C 60 18.26 -26.03 -4.72
CA UNK C 60 17.22 -25.64 -5.68
C UNK C 60 15.88 -26.35 -5.45
N UNK C 61 14.81 -25.71 -5.93
CA UNK C 61 13.48 -26.33 -6.04
C UNK C 61 13.41 -27.30 -7.22
N ASP C 62 12.55 -28.33 -7.06
CA ASP C 62 12.26 -29.29 -8.15
C ASP C 62 11.92 -28.58 -9.45
N SER C 63 11.13 -27.49 -9.36
CA SER C 63 10.55 -26.86 -10.53
C SER C 63 11.59 -26.16 -11.40
N UNK C 64 12.78 -25.86 -10.87
CA UNK C 64 13.79 -25.15 -11.64
C UNK C 64 15.10 -25.91 -11.77
N UNK C 65 15.15 -27.15 -11.25
CA UNK C 65 16.37 -27.93 -11.32
C UNK C 65 16.80 -28.14 -12.77
N GLY C 66 18.08 -27.95 -13.00
CA GLY C 66 18.63 -28.19 -14.31
C GLY C 66 18.44 -27.02 -15.27
N ARG C 67 17.78 -25.97 -14.83
CA ARG C 67 17.51 -24.80 -15.67
C ARG C 67 18.00 -23.48 -15.07
N PHE C 68 17.85 -23.28 -13.77
CA PHE C 68 18.24 -22.03 -13.14
C PHE C 68 19.45 -22.32 -12.26
N THR C 69 20.28 -21.31 -12.09
CA THR C 69 21.53 -21.40 -11.33
C THR C 69 21.75 -20.14 -10.51
N UNK C 70 22.01 -20.26 -9.21
CA UNK C 70 22.30 -19.08 -8.43
C UNK C 70 23.81 -18.95 -8.25
N SER C 71 24.29 -17.69 -8.26
CA SER C 71 25.70 -17.38 -8.00
C SER C 71 25.82 -16.06 -7.25
N UNK C 72 27.03 -15.80 -6.76
CA UNK C 72 27.29 -14.64 -5.93
C UNK C 72 28.45 -13.80 -6.48
N ASP C 73 28.39 -12.48 -6.26
CA ASP C 73 29.57 -11.64 -6.37
C ASP C 73 29.69 -10.91 -5.02
N UNK C 74 30.40 -11.55 -4.09
CA UNK C 74 30.56 -10.99 -2.74
C UNK C 74 31.20 -9.61 -2.76
N UNK C 75 32.14 -9.36 -3.69
CA UNK C 75 32.82 -8.07 -3.70
C UNK C 75 31.87 -6.94 -4.03
N UNK C 76 30.80 -7.23 -4.75
CA UNK C 76 29.81 -6.24 -5.16
C UNK C 76 28.52 -6.38 -4.36
N UNK C 77 28.54 -7.22 -3.33
CA UNK C 77 27.40 -7.39 -2.43
C UNK C 77 26.12 -7.74 -3.18
N UNK C 78 26.23 -8.57 -4.23
CA UNK C 78 25.13 -8.91 -5.12
C UNK C 78 25.09 -10.42 -5.37
N UNK C 79 23.86 -10.98 -5.45
CA UNK C 79 23.60 -12.34 -5.88
C UNK C 79 22.79 -12.36 -7.17
N UNK C 80 22.90 -13.47 -7.92
CA UNK C 80 22.27 -13.55 -9.24
C UNK C 80 21.44 -14.82 -9.38
N LEU C 81 20.45 -14.81 -10.30
CA LEU C 81 19.72 -16.02 -10.69
C LEU C 81 19.80 -16.06 -12.21
N GLN C 82 20.65 -16.93 -12.72
CA GLN C 82 20.68 -17.22 -14.17
C GLN C 82 19.51 -18.14 -14.53
N UNK C 83 18.66 -17.72 -15.47
CA UNK C 83 17.46 -18.48 -15.84
C UNK C 83 17.54 -18.91 -17.30
N UNK C 84 17.74 -20.22 -17.54
CA UNK C 84 17.83 -20.73 -18.92
C UNK C 84 16.60 -21.58 -19.20
N UNK C 85 16.36 -21.85 -20.49
CA UNK C 85 15.29 -22.73 -20.94
C UNK C 85 13.93 -22.33 -20.33
N LEU C 86 13.60 -21.04 -20.44
CA LEU C 86 12.41 -20.49 -19.80
C LEU C 86 11.13 -21.00 -20.44
N UNK C 87 10.11 -21.14 -19.60
CA UNK C 87 8.79 -21.64 -19.99
C UNK C 87 7.75 -20.65 -19.48
N UNK C 88 6.58 -20.66 -20.13
CA UNK C 88 5.49 -19.78 -19.77
C UNK C 88 5.13 -19.89 -18.30
N UNK C 89 5.19 -21.10 -17.73
CA UNK C 89 4.91 -21.35 -16.31
C UNK C 89 5.89 -20.69 -15.36
N ASP C 90 7.03 -20.19 -15.86
CA ASP C 90 7.98 -19.45 -15.03
C ASP C 90 7.57 -17.99 -14.87
N UNK C 91 6.49 -17.53 -15.54
CA UNK C 91 6.08 -16.13 -15.43
C UNK C 91 5.66 -15.82 -14.00
N ALA C 92 6.26 -14.80 -13.38
CA ALA C 92 6.03 -14.51 -11.96
C ALA C 92 6.81 -13.26 -11.56
N UNK C 93 6.53 -12.73 -10.37
CA UNK C 93 7.43 -11.78 -9.74
C UNK C 93 8.46 -12.56 -8.92
N TYR C 94 9.74 -12.25 -9.14
CA TYR C 94 10.87 -12.90 -8.48
C TYR C 94 11.41 -12.01 -7.38
N TYR C 95 11.58 -12.58 -6.17
CA TYR C 95 12.02 -11.86 -4.98
C TYR C 95 13.32 -12.46 -4.48
N CYS C 96 14.19 -11.60 -3.96
CA CYS C 96 15.33 -12.11 -3.21
CA CYS C 96 15.34 -12.10 -3.22
C CYS C 96 15.20 -11.73 -1.74
N UNK C 97 15.88 -12.53 -0.90
CA UNK C 97 15.86 -12.33 0.56
C UNK C 97 17.20 -12.75 1.17
N UNK C 98 17.59 -12.07 2.27
CA UNK C 98 18.77 -12.46 3.02
C UNK C 98 18.30 -13.40 4.12
N UNK C 99 19.02 -14.52 4.33
CA UNK C 99 18.82 -15.31 5.57
C UNK C 99 19.71 -14.71 6.66
N UNK C 100 19.10 -14.03 7.64
CA UNK C 100 19.92 -13.42 8.69
C UNK C 100 20.55 -14.44 9.63
N UNK C 101 20.14 -15.69 9.58
CA UNK C 101 20.68 -16.75 10.46
C UNK C 101 21.92 -17.33 9.78
N UNK C 102 23.11 -17.05 10.33
CA UNK C 102 24.29 -17.58 9.67
C UNK C 102 24.37 -19.11 9.76
N UNK C 103 23.58 -19.73 10.63
CA UNK C 103 23.49 -21.18 10.63
C UNK C 103 22.42 -21.74 9.68
N UNK C 104 21.77 -20.89 8.86
CA UNK C 104 21.00 -21.30 7.67
C UNK C 104 19.61 -21.83 7.98
N UNK C 105 19.00 -21.37 9.09
CA UNK C 105 17.64 -21.77 9.39
C UNK C 105 16.59 -21.02 8.61
N UNK C 106 16.99 -20.01 7.79
CA UNK C 106 16.10 -19.17 6.99
C UNK C 106 15.33 -18.09 7.72
N UNK C 107 16.01 -17.28 8.49
CA UNK C 107 15.31 -16.15 9.10
C UNK C 107 15.36 -15.05 8.05
N UNK C 108 14.33 -14.99 7.18
CA UNK C 108 14.33 -14.03 6.04
C UNK C 108 13.72 -12.71 6.51
N UNK C 109 14.56 -11.81 6.96
CA UNK C 109 14.13 -10.56 7.56
C UNK C 109 14.14 -9.40 6.56
N UNK C 110 14.92 -9.47 5.50
CA UNK C 110 14.96 -8.37 4.52
C UNK C 110 14.67 -8.94 3.14
N TRP C 111 13.79 -8.27 2.38
CA TRP C 111 13.34 -8.71 1.05
C TRP C 111 13.53 -7.61 -0.01
N GLY C 112 13.85 -8.04 -1.25
CA GLY C 112 13.80 -7.15 -2.40
C GLY C 112 12.37 -6.81 -2.78
N UNK C 113 12.24 -5.84 -3.70
CA UNK C 113 10.93 -5.32 -4.04
C UNK C 113 10.23 -6.15 -5.12
N GLY C 114 10.92 -7.09 -5.74
CA GLY C 114 10.34 -7.93 -6.77
C GLY C 114 10.71 -7.44 -8.15
N THR C 115 10.93 -8.37 -9.08
CA THR C 115 11.07 -7.98 -10.48
C THR C 115 10.27 -8.98 -11.31
N UNK C 116 9.54 -8.47 -12.32
CA UNK C 116 8.66 -9.31 -13.12
C UNK C 116 9.42 -9.99 -14.25
N VAL C 117 9.18 -11.28 -14.42
CA VAL C 117 9.63 -12.08 -15.56
C VAL C 117 8.40 -12.61 -16.26
N THR C 118 8.28 -12.31 -17.57
CA THR C 118 7.16 -12.82 -18.36
C THR C 118 7.72 -13.62 -19.51
N VAL C 119 7.26 -14.87 -19.66
CA VAL C 119 7.73 -15.77 -20.71
C VAL C 119 6.57 -16.01 -21.65
N SER C 120 6.61 -15.42 -22.84
CA SER C 120 5.45 -15.52 -23.71
C SER C 120 5.84 -15.49 -25.17
N SER C 121 4.96 -16.08 -25.98
CA SER C 121 4.79 -15.84 -27.41
C SER C 121 5.79 -16.67 -28.20
N VAL D 2 -31.06 -8.03 -21.19
CA VAL D 2 -30.92 -6.99 -20.17
C VAL D 2 -30.53 -7.60 -18.83
N ASP D 3 -29.73 -8.67 -18.87
CA ASP D 3 -29.32 -9.39 -17.65
C ASP D 3 -27.83 -9.22 -17.42
N PRO D 4 -27.42 -8.30 -16.54
CA PRO D 4 -25.99 -8.08 -16.30
C PRO D 4 -25.26 -9.26 -15.65
N ASN D 5 -25.97 -10.23 -15.07
CA ASN D 5 -25.34 -11.39 -14.44
C ASN D 5 -25.37 -12.64 -15.31
N ALA D 6 -25.69 -12.52 -16.60
CA ALA D 6 -25.60 -13.67 -17.48
C ALA D 6 -24.13 -14.03 -17.68
N ASN D 7 -23.88 -15.30 -18.01
CA ASN D 7 -22.53 -15.78 -18.26
C ASN D 7 -21.88 -14.95 -19.38
N PRO D 8 -20.82 -14.19 -19.08
CA PRO D 8 -20.10 -13.44 -20.12
C PRO D 8 -18.97 -14.22 -20.80
N ASN D 9 -18.82 -15.51 -20.54
CA ASN D 9 -17.74 -16.32 -21.10
C ASN D 9 -18.29 -17.25 -22.18
N VAL D 10 -17.40 -18.03 -22.81
CA VAL D 10 -17.82 -18.97 -23.83
C VAL D 10 -18.76 -20.03 -23.25
N ASP D 11 -18.41 -20.58 -22.09
CA ASP D 11 -19.20 -21.67 -21.51
C ASP D 11 -18.95 -21.84 -20.02
#